data_6MX3
#
_entry.id   6MX3
#
_cell.length_a   70.200
_cell.length_b   77.710
_cell.length_c   125.410
_cell.angle_alpha   90.000
_cell.angle_beta   90.000
_cell.angle_gamma   90.000
#
_symmetry.space_group_name_H-M   'C 2 2 21'
#
loop_
_entity.id
_entity.type
_entity.pdbx_description
1 polymer 'Stimulator of interferon genes protein'
2 non-polymer '(3S,4S)-2-(4-tert-butylphenyl)-3-(4-methoxyphenyl)-1-oxo-1,2,3,4-tetrahydroisoquinoline-4-carboxylic acid'
3 non-polymer 'CALCIUM ION'
4 water water
#
_entity_poly.entity_id   1
_entity_poly.type   'polypeptide(L)'
_entity_poly.pdbx_seq_one_letter_code
;SVAHGLAWSYYIGYLRLILPELQARIRTYNQHYNNLLRGAVSQRLYILLPLDCGVPDNLSMADPNIRFLDKLPQQTADRA
GIKDRVYSNSIYELLENGQRAGTCVLEYATPLQTLFAMSQYSQAGFSREDRLEQAKLFCQTLEDILADAPESQNNCRLIA
YQEPADDSSFSLSQEVLRHLRQEEKEEV
;
_entity_poly.pdbx_strand_id   A,B
#
loop_
_chem_comp.id
_chem_comp.type
_chem_comp.name
_chem_comp.formula
CA non-polymer 'CALCIUM ION' 'Ca 2'
K5P non-polymer '(3S,4S)-2-(4-tert-butylphenyl)-3-(4-methoxyphenyl)-1-oxo-1,2,3,4-tetrahydroisoquinoline-4-carboxylic acid' 'C27 H27 N O4'
#
# COMPACT_ATOMS: atom_id res chain seq x y z
N SER A 1 -7.42 -14.94 -6.71
CA SER A 1 -7.15 -13.90 -7.67
C SER A 1 -6.58 -12.63 -7.01
N VAL A 2 -6.36 -12.63 -5.69
CA VAL A 2 -5.81 -11.43 -5.07
C VAL A 2 -4.39 -11.12 -5.53
N ALA A 3 -3.64 -12.12 -5.98
CA ALA A 3 -2.24 -11.86 -6.37
C ALA A 3 -2.07 -10.80 -7.44
N HIS A 4 -3.00 -10.71 -8.42
N HIS A 4 -3.01 -10.73 -8.39
CA HIS A 4 -2.84 -9.77 -9.52
CA HIS A 4 -2.90 -9.82 -9.53
C HIS A 4 -2.79 -8.34 -9.03
C HIS A 4 -2.84 -8.35 -9.08
N GLY A 5 -3.74 -7.96 -8.17
CA GLY A 5 -3.76 -6.60 -7.64
C GLY A 5 -2.58 -6.33 -6.74
N LEU A 6 -2.13 -7.34 -5.97
CA LEU A 6 -0.96 -7.16 -5.12
C LEU A 6 0.28 -6.91 -5.96
N ALA A 7 0.46 -7.67 -7.03
CA ALA A 7 1.64 -7.49 -7.86
C ALA A 7 1.62 -6.15 -8.60
N TRP A 8 0.47 -5.79 -9.18
CA TRP A 8 0.39 -4.54 -9.91
C TRP A 8 0.58 -3.33 -9.01
N SER A 9 0.00 -3.34 -7.79
CA SER A 9 0.19 -2.20 -6.90
C SER A 9 1.64 -2.08 -6.44
N TYR A 10 2.26 -3.25 -6.11
CA TYR A 10 3.64 -3.25 -5.62
C TYR A 10 4.58 -2.73 -6.71
N TYR A 11 4.32 -3.11 -7.96
CA TYR A 11 5.12 -2.54 -9.03
C TYR A 11 4.82 -1.07 -9.25
N ILE A 12 3.55 -0.75 -9.54
CA ILE A 12 3.26 0.57 -10.04
C ILE A 12 3.37 1.66 -8.97
N GLY A 13 3.22 1.31 -7.70
CA GLY A 13 3.29 2.26 -6.60
C GLY A 13 4.61 2.27 -5.83
N TYR A 14 5.53 1.36 -6.18
CA TYR A 14 6.78 1.28 -5.43
C TYR A 14 7.96 0.91 -6.31
N LEU A 15 7.98 -0.30 -6.85
CA LEU A 15 9.18 -0.68 -7.62
C LEU A 15 9.44 0.21 -8.81
N ARG A 16 8.38 0.60 -9.52
CA ARG A 16 8.55 1.46 -10.69
C ARG A 16 9.19 2.80 -10.30
N LEU A 17 8.94 3.26 -9.08
CA LEU A 17 9.43 4.55 -8.60
C LEU A 17 10.83 4.49 -8.03
N ILE A 18 11.20 3.40 -7.38
CA ILE A 18 12.51 3.32 -6.75
C ILE A 18 13.58 2.70 -7.64
N LEU A 19 13.23 1.81 -8.58
CA LEU A 19 14.25 1.13 -9.38
C LEU A 19 15.06 2.07 -10.28
N PRO A 20 14.51 3.14 -10.89
CA PRO A 20 15.35 3.97 -11.75
C PRO A 20 16.56 4.62 -11.06
N GLU A 21 16.44 5.04 -9.79
CA GLU A 21 17.56 5.70 -9.09
C GLU A 21 18.31 4.75 -8.15
N LEU A 22 17.95 3.47 -8.12
CA LEU A 22 18.60 2.57 -7.17
C LEU A 22 20.09 2.41 -7.42
N GLN A 23 20.48 2.19 -8.67
CA GLN A 23 21.91 1.97 -8.88
C GLN A 23 22.72 3.21 -8.55
N ALA A 24 22.20 4.41 -8.78
CA ALA A 24 22.92 5.63 -8.39
C ALA A 24 23.04 5.72 -6.87
N ARG A 25 21.99 5.36 -6.14
CA ARG A 25 22.05 5.37 -4.68
C ARG A 25 23.10 4.37 -4.16
N ILE A 26 23.15 3.19 -4.77
CA ILE A 26 24.14 2.19 -4.37
C ILE A 26 25.56 2.66 -4.69
N ARG A 27 25.75 3.34 -5.85
CA ARG A 27 27.05 3.86 -6.21
C ARG A 27 27.47 4.94 -5.20
N THR A 28 26.55 5.82 -4.81
CA THR A 28 26.89 6.84 -3.80
C THR A 28 27.36 6.15 -2.53
N TYR A 29 26.61 5.13 -2.09
CA TYR A 29 27.01 4.45 -0.88
C TYR A 29 28.38 3.80 -1.03
N ASN A 30 28.60 3.06 -2.12
CA ASN A 30 29.85 2.35 -2.31
C ASN A 30 31.04 3.28 -2.37
N GLN A 31 30.87 4.43 -3.00
CA GLN A 31 31.98 5.34 -3.15
C GLN A 31 32.23 6.21 -1.97
N HIS A 32 31.18 6.67 -1.27
CA HIS A 32 31.36 7.68 -0.21
C HIS A 32 31.08 7.23 1.22
N TYR A 33 30.29 6.16 1.41
CA TYR A 33 29.86 5.75 2.76
C TYR A 33 30.31 4.39 3.18
N ASN A 34 30.75 3.57 2.25
CA ASN A 34 31.11 2.18 2.49
C ASN A 34 32.54 2.07 2.91
N ASN A 35 32.77 1.62 4.15
CA ASN A 35 34.15 1.51 4.61
C ASN A 35 34.66 0.08 4.70
N LEU A 36 33.83 -0.88 4.24
CA LEU A 36 34.23 -2.30 4.26
C LEU A 36 35.31 -2.57 3.22
N LEU A 37 36.22 -3.51 3.56
CA LEU A 37 37.25 -4.00 2.65
C LEU A 37 36.56 -4.90 1.64
N ARG A 38 36.69 -4.59 0.33
CA ARG A 38 36.08 -5.33 -0.78
C ARG A 38 34.64 -5.76 -0.46
N GLY A 39 33.87 -4.80 0.02
CA GLY A 39 32.50 -5.06 0.42
C GLY A 39 31.54 -4.24 -0.38
N ALA A 40 31.84 -4.04 -1.70
CA ALA A 40 30.91 -3.24 -2.47
C ALA A 40 29.56 -3.88 -2.46
N VAL A 41 28.56 -3.04 -2.26
CA VAL A 41 27.17 -3.45 -2.27
C VAL A 41 26.79 -3.85 -3.69
N SER A 42 26.11 -4.99 -3.85
CA SER A 42 25.65 -5.48 -5.13
C SER A 42 24.68 -4.45 -5.76
N GLN A 43 24.54 -4.50 -7.07
CA GLN A 43 23.79 -3.49 -7.83
C GLN A 43 22.30 -3.64 -7.88
N ARG A 44 21.77 -4.80 -7.53
CA ARG A 44 20.35 -5.02 -7.69
C ARG A 44 19.60 -4.86 -6.38
N LEU A 45 18.27 -4.64 -6.47
CA LEU A 45 17.43 -4.68 -5.31
C LEU A 45 17.03 -6.17 -5.15
N TYR A 46 17.33 -6.78 -3.99
CA TYR A 46 17.00 -8.17 -3.71
C TYR A 46 15.73 -8.23 -2.86
N ILE A 47 14.72 -8.90 -3.40
CA ILE A 47 13.40 -8.94 -2.74
C ILE A 47 13.10 -10.35 -2.26
N LEU A 48 12.93 -10.49 -0.95
CA LEU A 48 12.62 -11.77 -0.33
C LEU A 48 11.17 -12.05 -0.48
N LEU A 49 10.86 -13.19 -1.06
CA LEU A 49 9.52 -13.66 -1.29
C LEU A 49 9.33 -15.01 -0.64
N PRO A 50 9.18 -15.06 0.71
CA PRO A 50 8.89 -16.34 1.37
C PRO A 50 7.52 -16.81 0.92
N LEU A 51 7.44 -17.99 0.32
CA LEU A 51 6.15 -18.45 -0.18
C LEU A 51 5.17 -18.78 0.92
N ASP A 52 5.65 -18.94 2.17
CA ASP A 52 4.73 -19.08 3.28
C ASP A 52 4.15 -17.73 3.75
N CYS A 53 4.58 -16.62 3.12
CA CYS A 53 4.10 -15.27 3.40
C CYS A 53 4.44 -14.78 4.79
N GLY A 54 5.42 -15.41 5.44
CA GLY A 54 5.87 -15.05 6.76
C GLY A 54 6.87 -13.92 6.70
N VAL A 55 6.44 -12.71 6.93
CA VAL A 55 7.31 -11.54 6.89
C VAL A 55 7.58 -11.16 8.35
N PRO A 56 8.85 -11.25 8.82
CA PRO A 56 9.18 -10.93 10.24
C PRO A 56 9.17 -9.44 10.48
N ASP A 57 9.17 -8.99 11.74
CA ASP A 57 9.09 -7.55 11.95
C ASP A 57 10.41 -6.83 11.72
N ASN A 58 11.53 -7.57 11.72
CA ASN A 58 12.80 -6.98 11.38
C ASN A 58 13.68 -8.03 10.75
N LEU A 59 14.01 -7.80 9.49
CA LEU A 59 14.83 -8.68 8.67
C LEU A 59 16.14 -9.05 9.36
N ASP A 63 17.87 -14.50 10.57
CA ASP A 63 19.05 -15.34 10.32
C ASP A 63 20.30 -14.63 10.89
N PRO A 64 21.09 -15.25 11.80
CA PRO A 64 22.30 -14.57 12.32
C PRO A 64 23.36 -14.26 11.26
N ASN A 65 23.23 -14.88 10.07
CA ASN A 65 24.17 -14.66 8.97
C ASN A 65 23.75 -13.48 8.09
N ILE A 66 22.72 -12.73 8.48
CA ILE A 66 22.27 -11.55 7.71
C ILE A 66 22.29 -10.43 8.72
N ARG A 67 23.21 -9.49 8.56
CA ARG A 67 23.39 -8.44 9.56
C ARG A 67 23.26 -7.07 8.95
N PHE A 68 22.47 -6.22 9.59
CA PHE A 68 22.22 -4.88 9.10
C PHE A 68 23.51 -4.07 9.10
N LEU A 69 23.75 -3.35 8.01
CA LEU A 69 24.94 -2.50 7.87
C LEU A 69 24.56 -1.04 7.92
N ASP A 70 23.59 -0.62 7.10
CA ASP A 70 23.27 0.80 7.00
C ASP A 70 22.01 1.00 6.24
N LYS A 71 21.46 2.20 6.34
CA LYS A 71 20.36 2.60 5.50
C LYS A 71 21.01 3.02 4.18
N LEU A 72 20.31 2.74 3.06
CA LEU A 72 20.77 3.17 1.76
C LEU A 72 20.39 4.65 1.64
N PRO A 73 21.37 5.56 1.48
CA PRO A 73 21.02 6.99 1.44
C PRO A 73 20.09 7.36 0.31
N GLN A 74 19.33 8.44 0.59
CA GLN A 74 18.29 9.06 -0.22
C GLN A 74 17.01 8.28 -0.15
N SER A 88 12.58 4.06 2.38
CA SER A 88 13.56 3.48 3.29
C SER A 88 14.02 2.11 2.79
N ASN A 89 15.32 2.01 2.46
CA ASN A 89 15.94 0.76 2.01
C ASN A 89 17.15 0.51 2.89
N SER A 90 17.47 -0.78 3.09
CA SER A 90 18.53 -1.18 4.01
C SER A 90 19.53 -2.10 3.34
N ILE A 91 20.80 -1.94 3.76
CA ILE A 91 21.93 -2.71 3.28
C ILE A 91 22.30 -3.72 4.37
N TYR A 92 22.56 -4.95 3.94
CA TYR A 92 22.95 -6.04 4.86
C TYR A 92 24.21 -6.71 4.42
N GLU A 93 24.94 -7.24 5.40
CA GLU A 93 26.05 -8.13 5.09
C GLU A 93 25.55 -9.55 5.21
N LEU A 94 26.03 -10.43 4.30
N LEU A 94 26.06 -10.42 4.34
CA LEU A 94 25.66 -11.86 4.28
CA LEU A 94 25.70 -11.82 4.29
C LEU A 94 26.89 -12.64 4.67
C LEU A 94 26.90 -12.63 4.67
N LEU A 95 26.78 -13.47 5.69
CA LEU A 95 27.91 -14.28 6.15
C LEU A 95 27.84 -15.67 5.63
N GLU A 96 29.00 -16.27 5.36
CA GLU A 96 29.12 -17.67 4.96
C GLU A 96 30.45 -18.15 5.57
N ASN A 97 30.45 -19.35 6.17
CA ASN A 97 31.69 -19.87 6.81
C ASN A 97 32.16 -18.88 7.91
N GLY A 98 31.24 -18.13 8.51
CA GLY A 98 31.54 -17.18 9.55
C GLY A 98 32.08 -15.83 9.12
N GLN A 99 32.24 -15.63 7.80
CA GLN A 99 32.85 -14.40 7.29
C GLN A 99 31.90 -13.68 6.35
N ARG A 100 32.12 -12.39 6.15
CA ARG A 100 31.33 -11.62 5.19
C ARG A 100 31.61 -12.12 3.79
N ALA A 101 30.58 -12.57 3.09
CA ALA A 101 30.64 -13.10 1.75
C ALA A 101 29.92 -12.25 0.71
N GLY A 102 29.19 -11.23 1.16
CA GLY A 102 28.48 -10.36 0.24
C GLY A 102 27.78 -9.28 0.99
N THR A 103 27.35 -8.23 0.25
CA THR A 103 26.63 -7.10 0.82
C THR A 103 25.57 -6.73 -0.19
N CYS A 104 24.35 -6.44 0.29
CA CYS A 104 23.29 -6.11 -0.68
C CYS A 104 22.17 -5.31 -0.05
N VAL A 105 21.34 -4.70 -0.93
CA VAL A 105 20.11 -4.02 -0.54
C VAL A 105 19.07 -5.11 -0.57
N LEU A 106 18.45 -5.37 0.60
CA LEU A 106 17.56 -6.50 0.79
C LEU A 106 16.33 -6.10 1.53
N GLU A 107 15.18 -6.63 1.12
CA GLU A 107 13.92 -6.33 1.82
C GLU A 107 12.92 -7.37 1.41
N TYR A 108 11.81 -7.42 2.15
CA TYR A 108 10.74 -8.35 1.85
C TYR A 108 9.77 -7.77 0.86
N ALA A 109 9.07 -8.66 0.12
CA ALA A 109 7.93 -8.26 -0.71
C ALA A 109 6.77 -8.08 0.27
N THR A 110 6.66 -6.87 0.80
CA THR A 110 5.69 -6.56 1.88
C THR A 110 4.22 -6.87 1.50
N PRO A 111 3.77 -6.86 0.23
CA PRO A 111 2.36 -7.23 -0.05
C PRO A 111 2.03 -8.67 0.32
N LEU A 112 3.04 -9.54 0.53
CA LEU A 112 2.73 -10.89 0.99
C LEU A 112 2.03 -10.85 2.35
N GLN A 113 2.19 -9.75 3.11
CA GLN A 113 1.50 -9.65 4.39
C GLN A 113 -0.04 -9.66 4.21
N THR A 114 -0.56 -9.21 3.05
CA THR A 114 -2.00 -9.30 2.82
C THR A 114 -2.40 -10.77 2.71
N LEU A 115 -1.60 -11.58 1.98
CA LEU A 115 -1.93 -12.99 1.84
C LEU A 115 -1.88 -13.72 3.17
N PHE A 116 -0.89 -13.41 4.00
CA PHE A 116 -0.82 -14.04 5.31
C PHE A 116 -2.02 -13.64 6.15
N ALA A 117 -2.33 -12.33 6.19
CA ALA A 117 -3.46 -11.87 7.01
C ALA A 117 -4.77 -12.47 6.50
N MET A 118 -4.96 -12.62 5.19
CA MET A 118 -6.17 -13.22 4.69
C MET A 118 -6.29 -14.66 5.15
N SER A 119 -5.16 -15.39 5.20
CA SER A 119 -5.24 -16.80 5.66
C SER A 119 -5.57 -16.86 7.15
N GLN A 120 -5.38 -15.76 7.89
CA GLN A 120 -5.67 -15.68 9.33
C GLN A 120 -7.03 -15.05 9.61
N TYR A 121 -7.83 -14.83 8.58
CA TYR A 121 -9.14 -14.18 8.74
C TYR A 121 -10.19 -15.10 8.19
N SER A 122 -10.99 -15.74 9.06
CA SER A 122 -11.92 -16.78 8.61
C SER A 122 -12.91 -16.31 7.56
N GLN A 123 -13.36 -15.05 7.66
CA GLN A 123 -14.32 -14.51 6.69
C GLN A 123 -13.75 -14.36 5.28
N ALA A 124 -12.42 -14.44 5.12
CA ALA A 124 -11.86 -14.39 3.77
C ALA A 124 -12.04 -15.72 3.01
N GLY A 125 -12.37 -16.82 3.71
CA GLY A 125 -12.53 -18.15 3.12
C GLY A 125 -11.29 -18.54 2.34
N PHE A 126 -10.13 -18.20 2.89
CA PHE A 126 -8.84 -18.29 2.24
C PHE A 126 -7.94 -19.23 3.02
N SER A 127 -7.75 -20.44 2.48
CA SER A 127 -6.99 -21.50 3.15
C SER A 127 -5.49 -21.33 2.99
N ARG A 128 -4.70 -22.18 3.69
CA ARG A 128 -3.24 -22.17 3.53
C ARG A 128 -2.89 -22.56 2.09
N GLU A 129 -3.65 -23.48 1.48
CA GLU A 129 -3.44 -23.89 0.09
C GLU A 129 -3.71 -22.71 -0.84
N ASP A 130 -4.78 -21.95 -0.57
CA ASP A 130 -5.08 -20.77 -1.41
C ASP A 130 -3.96 -19.75 -1.26
N ARG A 131 -3.46 -19.57 -0.03
CA ARG A 131 -2.38 -18.63 0.23
C ARG A 131 -1.12 -18.97 -0.55
N LEU A 132 -0.73 -20.25 -0.53
CA LEU A 132 0.48 -20.66 -1.23
C LEU A 132 0.37 -20.45 -2.72
N GLU A 133 -0.80 -20.80 -3.26
CA GLU A 133 -1.04 -20.61 -4.68
C GLU A 133 -0.97 -19.13 -5.04
N GLN A 134 -1.59 -18.27 -4.22
CA GLN A 134 -1.52 -16.84 -4.52
C GLN A 134 -0.12 -16.28 -4.34
N ALA A 135 0.68 -16.80 -3.40
CA ALA A 135 2.06 -16.32 -3.25
C ALA A 135 2.89 -16.66 -4.51
N LYS A 136 2.71 -17.89 -5.03
CA LYS A 136 3.41 -18.27 -6.25
C LYS A 136 2.92 -17.43 -7.42
N LEU A 137 1.59 -17.18 -7.52
CA LEU A 137 1.09 -16.37 -8.63
C LEU A 137 1.57 -14.92 -8.49
N PHE A 138 1.66 -14.41 -7.26
CA PHE A 138 2.19 -13.05 -7.05
C PHE A 138 3.63 -12.98 -7.59
N CYS A 139 4.45 -13.96 -7.24
N CYS A 139 4.46 -14.00 -7.26
CA CYS A 139 5.81 -13.97 -7.70
CA CYS A 139 5.85 -14.08 -7.73
C CYS A 139 5.88 -14.01 -9.25
C CYS A 139 5.89 -14.02 -9.24
N GLN A 140 5.12 -14.91 -9.87
CA GLN A 140 5.13 -15.03 -11.32
C GLN A 140 4.64 -13.77 -12.01
N THR A 141 3.55 -13.18 -11.46
CA THR A 141 2.98 -11.99 -12.09
C THR A 141 3.95 -10.85 -11.96
N LEU A 142 4.58 -10.69 -10.78
CA LEU A 142 5.53 -9.60 -10.57
C LEU A 142 6.75 -9.76 -11.49
N GLU A 143 7.28 -10.99 -11.62
CA GLU A 143 8.42 -11.25 -12.50
C GLU A 143 8.06 -10.81 -13.92
N ASP A 144 6.84 -11.16 -14.38
CA ASP A 144 6.41 -10.81 -15.74
C ASP A 144 6.24 -9.33 -15.91
N ILE A 145 5.68 -8.62 -14.92
CA ILE A 145 5.58 -7.17 -15.04
C ILE A 145 6.97 -6.55 -15.12
N LEU A 146 7.88 -6.97 -14.26
CA LEU A 146 9.23 -6.41 -14.25
C LEU A 146 9.98 -6.68 -15.55
N ALA A 147 9.75 -7.83 -16.17
CA ALA A 147 10.43 -8.19 -17.44
C ALA A 147 10.02 -7.27 -18.57
N ASP A 148 8.79 -6.73 -18.53
CA ASP A 148 8.29 -5.84 -19.59
C ASP A 148 8.38 -4.36 -19.22
N ALA A 149 8.78 -4.05 -17.99
CA ALA A 149 8.86 -2.70 -17.43
C ALA A 149 10.12 -1.95 -17.78
N PRO A 150 10.03 -0.68 -18.21
CA PRO A 150 11.26 0.06 -18.54
C PRO A 150 12.17 0.37 -17.34
N GLU A 151 11.63 0.32 -16.12
CA GLU A 151 12.39 0.62 -14.90
C GLU A 151 13.29 -0.52 -14.45
N SER A 152 12.94 -1.80 -14.79
CA SER A 152 13.76 -2.95 -14.38
C SER A 152 14.78 -3.28 -15.43
N GLN A 153 15.99 -2.77 -15.23
CA GLN A 153 17.10 -2.96 -16.14
C GLN A 153 18.22 -3.64 -15.43
N ASN A 154 18.08 -4.97 -15.27
CA ASN A 154 19.05 -5.79 -14.53
C ASN A 154 19.29 -5.17 -13.16
N ASN A 155 18.19 -4.75 -12.48
CA ASN A 155 18.35 -4.10 -11.19
C ASN A 155 17.38 -4.61 -10.10
N CYS A 156 16.52 -5.62 -10.39
CA CYS A 156 15.58 -6.19 -9.37
C CYS A 156 15.52 -7.70 -9.47
N ARG A 157 15.86 -8.37 -8.37
CA ARG A 157 15.95 -9.82 -8.31
C ARG A 157 15.02 -10.38 -7.24
N LEU A 158 14.10 -11.23 -7.64
CA LEU A 158 13.14 -11.84 -6.72
C LEU A 158 13.71 -13.11 -6.18
N ILE A 159 13.69 -13.27 -4.87
CA ILE A 159 14.21 -14.44 -4.17
C ILE A 159 13.04 -15.18 -3.55
N ALA A 160 12.47 -16.13 -4.28
CA ALA A 160 11.33 -16.89 -3.78
C ALA A 160 11.81 -18.17 -3.16
N TYR A 161 11.28 -18.54 -2.00
CA TYR A 161 11.74 -19.74 -1.31
C TYR A 161 10.70 -20.37 -0.42
N GLN A 162 10.93 -21.63 -0.09
CA GLN A 162 10.13 -22.43 0.82
C GLN A 162 11.07 -23.13 1.78
N GLU A 163 10.59 -23.39 2.99
CA GLU A 163 11.45 -24.09 3.92
C GLU A 163 11.44 -25.63 3.61
N PRO A 164 12.51 -26.40 3.89
CA PRO A 164 12.48 -27.83 3.51
C PRO A 164 11.45 -28.66 4.28
N SER A 169 16.91 -27.43 9.05
CA SER A 169 17.23 -26.01 9.17
C SER A 169 17.38 -25.38 7.81
N PHE A 170 16.84 -24.21 7.67
CA PHE A 170 16.91 -23.51 6.40
C PHE A 170 17.85 -22.35 6.60
N SER A 171 18.61 -22.00 5.55
CA SER A 171 19.51 -20.87 5.61
C SER A 171 19.08 -19.76 4.64
N LEU A 172 18.58 -18.65 5.19
CA LEU A 172 18.16 -17.54 4.35
C LEU A 172 19.39 -16.87 3.75
N SER A 173 20.50 -16.76 4.49
CA SER A 173 21.74 -16.19 3.94
C SER A 173 22.23 -16.98 2.71
N GLN A 174 22.10 -18.33 2.74
N GLN A 174 22.10 -18.33 2.76
CA GLN A 174 22.52 -19.14 1.59
CA GLN A 174 22.49 -19.18 1.64
C GLN A 174 21.64 -18.90 0.39
C GLN A 174 21.66 -18.86 0.42
N GLU A 175 20.36 -18.63 0.64
CA GLU A 175 19.46 -18.32 -0.45
C GLU A 175 19.84 -16.97 -1.09
N VAL A 176 20.12 -15.96 -0.25
CA VAL A 176 20.49 -14.65 -0.81
C VAL A 176 21.83 -14.73 -1.55
N LEU A 177 22.81 -15.45 -0.95
CA LEU A 177 24.14 -15.54 -1.59
C LEU A 177 24.11 -16.18 -2.96
N ARG A 178 23.21 -17.16 -3.16
CA ARG A 178 23.11 -17.79 -4.48
C ARG A 178 22.74 -16.73 -5.52
N HIS A 179 21.80 -15.85 -5.16
CA HIS A 179 21.37 -14.79 -6.08
C HIS A 179 22.45 -13.71 -6.23
N LEU A 180 23.15 -13.36 -5.14
CA LEU A 180 24.24 -12.35 -5.23
C LEU A 180 25.33 -12.82 -6.18
N ARG A 181 25.66 -14.12 -6.11
CA ARG A 181 26.70 -14.68 -6.96
C ARG A 181 26.29 -14.79 -8.42
N GLN A 182 24.98 -14.80 -8.66
CA GLN A 182 24.41 -14.85 -10.00
C GLN A 182 24.54 -13.48 -10.67
N GLU A 183 24.64 -12.38 -9.87
CA GLU A 183 24.79 -11.03 -10.43
C GLU A 183 26.13 -10.92 -11.15
N SER B 1 -9.13 -8.06 -12.89
CA SER B 1 -9.22 -8.73 -11.61
C SER B 1 -8.29 -8.10 -10.56
N VAL B 2 -7.64 -6.97 -10.90
CA VAL B 2 -6.79 -6.31 -9.90
C VAL B 2 -7.56 -5.83 -8.67
N ALA B 3 -8.86 -5.51 -8.85
CA ALA B 3 -9.63 -4.97 -7.71
C ALA B 3 -9.64 -5.81 -6.46
N HIS B 4 -9.67 -7.16 -6.59
N HIS B 4 -9.67 -7.14 -6.62
CA HIS B 4 -9.78 -8.02 -5.42
CA HIS B 4 -9.78 -8.06 -5.49
C HIS B 4 -8.61 -7.83 -4.48
C HIS B 4 -8.62 -7.90 -4.50
N GLY B 5 -7.39 -7.85 -5.01
CA GLY B 5 -6.22 -7.66 -4.18
C GLY B 5 -6.15 -6.29 -3.58
N LEU B 6 -6.59 -5.28 -4.35
CA LEU B 6 -6.59 -3.91 -3.83
C LEU B 6 -7.56 -3.78 -2.66
N ALA B 7 -8.74 -4.36 -2.80
CA ALA B 7 -9.72 -4.26 -1.69
C ALA B 7 -9.28 -5.03 -0.47
N TRP B 8 -8.79 -6.25 -0.66
CA TRP B 8 -8.37 -7.03 0.50
C TRP B 8 -7.19 -6.42 1.22
N SER B 9 -6.18 -5.89 0.49
CA SER B 9 -5.04 -5.30 1.16
C SER B 9 -5.46 -4.03 1.92
N TYR B 10 -6.33 -3.22 1.30
CA TYR B 10 -6.79 -1.97 1.95
C TYR B 10 -7.53 -2.29 3.23
N TYR B 11 -8.40 -3.28 3.21
CA TYR B 11 -9.06 -3.65 4.47
C TYR B 11 -8.08 -4.26 5.45
N ILE B 12 -7.40 -5.35 5.03
CA ILE B 12 -6.67 -6.14 6.02
C ILE B 12 -5.42 -5.47 6.54
N GLY B 13 -4.82 -4.57 5.77
CA GLY B 13 -3.62 -3.86 6.18
C GLY B 13 -3.80 -2.45 6.67
N TYR B 14 -5.03 -1.94 6.65
CA TYR B 14 -5.26 -0.57 7.04
C TYR B 14 -6.58 -0.41 7.77
N LEU B 15 -7.70 -0.58 7.11
CA LEU B 15 -8.97 -0.30 7.80
C LEU B 15 -9.16 -1.17 9.03
N ARG B 16 -8.81 -2.45 8.94
CA ARG B 16 -8.96 -3.37 10.07
C ARG B 16 -8.17 -2.88 11.26
N LEU B 17 -7.05 -2.20 11.03
CA LEU B 17 -6.15 -1.75 12.09
C LEU B 17 -6.51 -0.40 12.65
N ILE B 18 -7.05 0.51 11.84
CA ILE B 18 -7.34 1.86 12.34
C ILE B 18 -8.74 2.02 12.85
N LEU B 19 -9.72 1.26 12.34
CA LEU B 19 -11.10 1.47 12.74
C LEU B 19 -11.37 1.17 14.22
N PRO B 20 -10.77 0.17 14.87
CA PRO B 20 -11.10 -0.07 16.30
C PRO B 20 -10.81 1.09 17.24
N GLU B 21 -9.75 1.88 17.02
CA GLU B 21 -9.40 3.00 17.93
C GLU B 21 -9.88 4.35 17.40
N LEU B 22 -10.54 4.37 16.24
CA LEU B 22 -10.93 5.66 15.68
C LEU B 22 -11.87 6.47 16.56
N GLN B 23 -12.89 5.82 17.11
CA GLN B 23 -13.87 6.51 17.92
C GLN B 23 -13.22 7.14 19.14
N ALA B 24 -12.29 6.41 19.76
CA ALA B 24 -11.60 6.93 20.93
C ALA B 24 -10.74 8.12 20.56
N ARG B 25 -10.05 8.07 19.41
CA ARG B 25 -9.25 9.19 18.98
C ARG B 25 -10.10 10.42 18.71
N ILE B 26 -11.29 10.23 18.09
CA ILE B 26 -12.15 11.37 17.82
C ILE B 26 -12.70 11.96 19.13
N ARG B 27 -13.09 11.08 20.07
CA ARG B 27 -13.60 11.58 21.37
C ARG B 27 -12.51 12.35 22.10
N THR B 28 -11.26 11.85 22.11
CA THR B 28 -10.16 12.58 22.76
C THR B 28 -9.94 13.94 22.09
N TYR B 29 -9.97 13.98 20.73
CA TYR B 29 -9.76 15.23 20.04
C TYR B 29 -10.87 16.22 20.43
N ASN B 30 -12.15 15.78 20.38
CA ASN B 30 -13.26 16.66 20.66
C ASN B 30 -13.22 17.23 22.06
N GLN B 31 -12.78 16.42 23.01
CA GLN B 31 -12.73 16.88 24.41
C GLN B 31 -11.52 17.73 24.71
N HIS B 32 -10.33 17.33 24.24
CA HIS B 32 -9.10 17.95 24.70
C HIS B 32 -8.34 18.81 23.71
N TYR B 33 -8.59 18.66 22.40
CA TYR B 33 -7.79 19.36 21.39
C TYR B 33 -8.55 20.29 20.49
N ASN B 34 -9.82 20.09 20.32
CA ASN B 34 -10.59 20.93 19.42
C ASN B 34 -10.73 22.34 19.97
N ASN B 35 -10.85 23.35 19.08
CA ASN B 35 -11.10 24.73 19.50
C ASN B 35 -12.51 24.80 20.16
N LEU B 36 -12.67 25.72 21.13
CA LEU B 36 -13.94 25.83 21.86
C LEU B 36 -15.11 26.24 20.98
N LEU B 37 -14.93 27.26 20.16
CA LEU B 37 -16.05 27.87 19.44
C LEU B 37 -16.25 27.35 18.02
N ARG B 38 -16.37 26.02 17.88
CA ARG B 38 -16.67 25.38 16.60
C ARG B 38 -17.22 23.99 16.84
N GLY B 39 -17.78 23.40 15.79
CA GLY B 39 -18.35 22.07 15.87
C GLY B 39 -17.37 20.96 16.21
N ALA B 40 -17.90 19.89 16.79
CA ALA B 40 -17.23 18.64 17.12
C ALA B 40 -17.03 17.87 15.83
N VAL B 41 -15.96 17.08 15.79
CA VAL B 41 -15.73 16.20 14.64
C VAL B 41 -16.70 15.05 14.72
N SER B 42 -17.30 14.71 13.59
CA SER B 42 -18.20 13.57 13.49
C SER B 42 -17.44 12.24 13.70
N GLN B 43 -18.16 11.17 14.03
CA GLN B 43 -17.56 9.91 14.45
C GLN B 43 -17.11 8.82 13.43
N ARG B 44 -17.44 8.92 12.20
CA ARG B 44 -17.03 7.85 11.28
C ARG B 44 -15.83 8.25 10.42
N LEU B 45 -15.10 7.28 9.84
CA LEU B 45 -14.07 7.60 8.85
C LEU B 45 -14.79 7.64 7.48
N TYR B 46 -14.74 8.80 6.82
CA TYR B 46 -15.35 8.97 5.51
C TYR B 46 -14.30 8.78 4.43
N ILE B 47 -14.56 7.81 3.52
CA ILE B 47 -13.58 7.43 2.51
C ILE B 47 -14.12 7.76 1.14
N LEU B 48 -13.43 8.65 0.44
CA LEU B 48 -13.82 9.04 -0.91
C LEU B 48 -13.35 7.99 -1.89
N LEU B 49 -14.30 7.49 -2.67
CA LEU B 49 -14.04 6.45 -3.68
C LEU B 49 -14.53 6.94 -5.06
N PRO B 50 -13.78 7.86 -5.67
CA PRO B 50 -14.16 8.33 -7.01
C PRO B 50 -14.02 7.20 -7.99
N LEU B 51 -15.08 6.90 -8.73
CA LEU B 51 -15.01 5.81 -9.70
C LEU B 51 -14.05 6.11 -10.85
N ASP B 52 -13.71 7.40 -11.07
CA ASP B 52 -12.73 7.74 -12.07
C ASP B 52 -11.30 7.56 -11.59
N CYS B 53 -11.14 7.18 -10.30
CA CYS B 53 -9.81 6.90 -9.71
C CYS B 53 -8.91 8.11 -9.65
N GLY B 54 -9.49 9.31 -9.74
CA GLY B 54 -8.74 10.56 -9.69
C GLY B 54 -8.52 11.01 -8.28
N VAL B 55 -7.35 10.69 -7.72
CA VAL B 55 -7.02 11.02 -6.33
C VAL B 55 -6.09 12.25 -6.31
N PRO B 56 -6.53 13.38 -5.72
CA PRO B 56 -5.72 14.61 -5.73
C PRO B 56 -4.73 14.61 -4.57
N ASP B 57 -3.69 15.44 -4.66
CA ASP B 57 -2.76 15.51 -3.53
C ASP B 57 -3.30 16.41 -2.40
N ASN B 58 -4.25 17.29 -2.73
CA ASN B 58 -4.87 18.20 -1.76
C ASN B 58 -6.39 18.28 -1.97
N LEU B 59 -7.22 17.88 -0.96
CA LEU B 59 -8.69 17.93 -1.01
C LEU B 59 -9.25 19.34 -1.30
N SER B 60 -8.65 20.40 -0.69
CA SER B 60 -9.07 21.79 -0.91
C SER B 60 -8.86 22.26 -2.36
N MET B 61 -7.87 21.68 -3.06
CA MET B 61 -7.61 21.96 -4.47
C MET B 61 -8.67 21.28 -5.35
N ALA B 62 -9.28 20.17 -4.84
CA ALA B 62 -10.34 19.46 -5.54
C ALA B 62 -11.64 20.19 -5.32
N ASP B 63 -11.87 20.73 -4.09
CA ASP B 63 -13.09 21.48 -3.78
C ASP B 63 -12.78 22.57 -2.72
N PRO B 64 -12.95 23.88 -3.05
CA PRO B 64 -12.71 24.93 -2.03
C PRO B 64 -13.67 24.89 -0.82
N ASN B 65 -14.73 24.10 -0.91
CA ASN B 65 -15.70 23.91 0.16
C ASN B 65 -15.29 22.78 1.14
N ILE B 66 -14.07 22.22 0.97
CA ILE B 66 -13.54 21.19 1.86
C ILE B 66 -12.23 21.76 2.35
N ARG B 67 -12.17 22.14 3.63
CA ARG B 67 -11.01 22.85 4.17
C ARG B 67 -10.35 22.10 5.30
N PHE B 68 -9.04 21.91 5.19
CA PHE B 68 -8.29 21.19 6.23
C PHE B 68 -8.34 21.95 7.55
N LEU B 69 -8.58 21.23 8.67
CA LEU B 69 -8.60 21.84 9.98
C LEU B 69 -7.43 21.38 10.82
N ASP B 70 -7.18 20.08 10.91
CA ASP B 70 -6.18 19.54 11.83
C ASP B 70 -5.89 18.09 11.52
N LYS B 71 -4.78 17.59 12.06
CA LYS B 71 -4.51 16.16 12.03
C LYS B 71 -5.27 15.55 13.20
N LEU B 72 -5.77 14.34 13.03
CA LEU B 72 -6.42 13.63 14.12
C LEU B 72 -5.29 12.97 14.94
N PRO B 73 -5.06 13.34 16.21
CA PRO B 73 -3.94 12.73 16.94
C PRO B 73 -4.04 11.24 17.12
N GLN B 74 -2.84 10.63 17.28
CA GLN B 74 -2.53 9.23 17.59
C GLN B 74 -2.47 8.36 16.35
N SER B 88 -1.76 8.48 9.70
CA SER B 88 -2.05 9.90 9.54
C SER B 88 -3.48 10.08 9.00
N ASN B 89 -4.34 10.71 9.81
CA ASN B 89 -5.73 11.02 9.44
C ASN B 89 -5.97 12.49 9.63
N SER B 90 -6.81 13.07 8.79
CA SER B 90 -7.04 14.50 8.74
C SER B 90 -8.49 14.84 8.90
N ILE B 91 -8.73 15.97 9.61
CA ILE B 91 -10.05 16.50 9.86
C ILE B 91 -10.28 17.68 8.93
N TYR B 92 -11.48 17.70 8.31
CA TYR B 92 -11.86 18.78 7.39
C TYR B 92 -13.17 19.39 7.78
N GLU B 93 -13.34 20.68 7.48
CA GLU B 93 -14.63 21.32 7.56
C GLU B 93 -15.22 21.35 6.14
N LEU B 94 -16.52 21.18 6.06
N LEU B 94 -16.54 21.19 6.07
CA LEU B 94 -17.27 21.21 4.81
CA LEU B 94 -17.35 21.12 4.85
C LEU B 94 -18.11 22.47 4.82
C LEU B 94 -18.24 22.37 4.79
N LEU B 95 -18.13 23.17 3.70
CA LEU B 95 -18.93 24.39 3.54
C LEU B 95 -20.11 24.15 2.64
N GLU B 96 -21.21 24.88 2.91
CA GLU B 96 -22.44 24.87 2.10
C GLU B 96 -22.97 26.30 2.16
N ASN B 97 -23.27 26.90 0.98
CA ASN B 97 -23.71 28.31 0.87
C ASN B 97 -22.70 29.28 1.51
N GLY B 98 -21.44 28.91 1.49
CA GLY B 98 -20.37 29.72 2.06
C GLY B 98 -20.13 29.61 3.54
N GLN B 99 -20.90 28.77 4.25
CA GLN B 99 -20.79 28.62 5.70
C GLN B 99 -20.41 27.19 6.10
N ARG B 100 -19.88 27.02 7.35
CA ARG B 100 -19.54 25.71 7.91
C ARG B 100 -20.79 24.85 8.07
N ALA B 101 -20.78 23.62 7.52
CA ALA B 101 -21.91 22.71 7.50
C ALA B 101 -21.59 21.33 8.08
N GLY B 102 -20.32 21.05 8.32
CA GLY B 102 -19.97 19.77 8.93
C GLY B 102 -18.48 19.66 9.13
N THR B 103 -18.04 18.72 10.02
CA THR B 103 -16.61 18.50 10.32
C THR B 103 -16.41 17.02 10.44
N CYS B 104 -15.44 16.48 9.69
CA CYS B 104 -15.27 15.02 9.72
C CYS B 104 -13.84 14.62 9.37
N VAL B 105 -13.56 13.34 9.62
CA VAL B 105 -12.27 12.71 9.26
C VAL B 105 -12.51 12.17 7.84
N LEU B 106 -11.73 12.66 6.89
CA LEU B 106 -11.99 12.38 5.46
C LEU B 106 -10.68 12.04 4.76
N GLU B 107 -10.74 11.07 3.83
CA GLU B 107 -9.55 10.74 3.05
C GLU B 107 -10.01 9.97 1.83
N TYR B 108 -9.12 9.77 0.90
CA TYR B 108 -9.40 8.97 -0.28
C TYR B 108 -9.05 7.51 -0.07
N ALA B 109 -9.72 6.62 -0.85
CA ALA B 109 -9.37 5.20 -0.94
C ALA B 109 -8.12 5.17 -1.84
N THR B 110 -6.96 5.31 -1.19
CA THR B 110 -5.67 5.48 -1.90
C THR B 110 -5.29 4.31 -2.86
N PRO B 111 -5.79 3.05 -2.68
CA PRO B 111 -5.46 2.00 -3.67
C PRO B 111 -6.00 2.31 -5.07
N LEU B 112 -6.96 3.23 -5.18
CA LEU B 112 -7.43 3.60 -6.53
C LEU B 112 -6.28 4.17 -7.36
N GLN B 113 -5.23 4.67 -6.72
CA GLN B 113 -4.08 5.19 -7.46
C GLN B 113 -3.42 4.10 -8.32
N THR B 114 -3.50 2.82 -7.90
CA THR B 114 -2.94 1.75 -8.74
C THR B 114 -3.76 1.68 -10.03
N LEU B 115 -5.09 1.75 -9.91
CA LEU B 115 -5.95 1.65 -11.11
C LEU B 115 -5.71 2.82 -12.04
N PHE B 116 -5.57 4.02 -11.48
CA PHE B 116 -5.29 5.17 -12.32
C PHE B 116 -3.97 5.00 -13.06
N ALA B 117 -2.92 4.65 -12.31
CA ALA B 117 -1.60 4.53 -12.93
C ALA B 117 -1.58 3.44 -13.98
N MET B 118 -2.30 2.33 -13.75
CA MET B 118 -2.32 1.27 -14.77
C MET B 118 -2.97 1.79 -16.05
N SER B 119 -3.99 2.66 -15.92
CA SER B 119 -4.66 3.17 -17.13
C SER B 119 -3.74 4.07 -17.91
N GLN B 120 -2.68 4.57 -17.30
CA GLN B 120 -1.74 5.47 -17.95
C GLN B 120 -0.49 4.76 -18.42
N TYR B 121 -0.37 3.44 -18.20
CA TYR B 121 0.82 2.67 -18.52
C TYR B 121 0.48 1.75 -19.68
N SER B 122 1.08 2.03 -20.87
CA SER B 122 0.71 1.29 -22.07
C SER B 122 0.87 -0.21 -21.97
N GLN B 123 1.94 -0.66 -21.26
CA GLN B 123 2.19 -2.09 -21.12
C GLN B 123 1.13 -2.82 -20.32
N ALA B 124 0.29 -2.10 -19.55
CA ALA B 124 -0.76 -2.77 -18.79
C ALA B 124 -1.93 -3.19 -19.67
N GLY B 125 -2.07 -2.61 -20.89
CA GLY B 125 -3.21 -2.88 -21.79
C GLY B 125 -4.52 -2.68 -21.07
N PHE B 126 -4.59 -1.58 -20.29
CA PHE B 126 -5.69 -1.32 -19.35
C PHE B 126 -6.38 -0.02 -19.72
N SER B 127 -7.56 -0.09 -20.33
CA SER B 127 -8.28 1.09 -20.82
C SER B 127 -9.01 1.86 -19.72
N ARG B 128 -9.60 3.03 -20.07
CA ARG B 128 -10.42 3.77 -19.12
C ARG B 128 -11.64 2.93 -18.72
N GLU B 129 -12.22 2.20 -19.68
CA GLU B 129 -13.36 1.32 -19.40
C GLU B 129 -12.93 0.19 -18.45
N ASP B 130 -11.73 -0.39 -18.65
CA ASP B 130 -11.24 -1.43 -17.73
C ASP B 130 -11.05 -0.84 -16.31
N ARG B 131 -10.55 0.39 -16.26
CA ARG B 131 -10.33 1.07 -15.00
C ARG B 131 -11.63 1.27 -14.24
N LEU B 132 -12.67 1.73 -14.94
CA LEU B 132 -13.99 1.95 -14.31
C LEU B 132 -14.57 0.65 -13.79
N GLU B 133 -14.44 -0.43 -14.58
CA GLU B 133 -14.92 -1.72 -14.14
C GLU B 133 -14.20 -2.17 -12.88
N GLN B 134 -12.87 -1.99 -12.84
CA GLN B 134 -12.14 -2.38 -11.63
C GLN B 134 -12.46 -1.48 -10.43
N ALA B 135 -12.74 -0.19 -10.67
CA ALA B 135 -13.09 0.69 -9.54
C ALA B 135 -14.43 0.26 -8.95
N LYS B 136 -15.41 -0.11 -9.81
CA LYS B 136 -16.68 -0.60 -9.32
C LYS B 136 -16.50 -1.89 -8.56
N LEU B 137 -15.66 -2.81 -9.07
CA LEU B 137 -15.45 -4.06 -8.37
C LEU B 137 -14.74 -3.83 -7.04
N PHE B 138 -13.81 -2.87 -7.01
CA PHE B 138 -13.12 -2.55 -5.75
C PHE B 138 -14.14 -2.06 -4.71
N CYS B 139 -15.01 -1.15 -5.11
N CYS B 139 -15.06 -1.18 -5.13
CA CYS B 139 -16.04 -0.68 -4.21
CA CYS B 139 -16.14 -0.68 -4.27
C CYS B 139 -16.95 -1.83 -3.71
C CYS B 139 -16.95 -1.81 -3.72
N GLN B 140 -17.45 -2.68 -4.63
CA GLN B 140 -18.33 -3.76 -4.25
C GLN B 140 -17.65 -4.74 -3.33
N THR B 141 -16.39 -5.10 -3.64
CA THR B 141 -15.66 -6.06 -2.83
C THR B 141 -15.40 -5.47 -1.45
N LEU B 142 -14.96 -4.19 -1.39
CA LEU B 142 -14.69 -3.57 -0.10
C LEU B 142 -15.96 -3.45 0.73
N GLU B 143 -17.10 -3.11 0.12
CA GLU B 143 -18.34 -3.07 0.88
C GLU B 143 -18.74 -4.42 1.45
N ASP B 144 -18.51 -5.50 0.67
CA ASP B 144 -18.81 -6.83 1.17
C ASP B 144 -17.91 -7.18 2.33
N ILE B 145 -16.61 -6.85 2.23
CA ILE B 145 -15.69 -7.14 3.32
C ILE B 145 -16.09 -6.39 4.58
N LEU B 146 -16.38 -5.09 4.41
CA LEU B 146 -16.70 -4.26 5.58
C LEU B 146 -17.99 -4.69 6.25
N ALA B 147 -18.96 -5.20 5.48
CA ALA B 147 -20.24 -5.66 6.01
C ALA B 147 -20.06 -6.83 6.97
N ASP B 148 -19.06 -7.67 6.73
CA ASP B 148 -18.81 -8.86 7.54
C ASP B 148 -17.72 -8.66 8.57
N ALA B 149 -17.02 -7.50 8.54
CA ALA B 149 -15.86 -7.21 9.39
C ALA B 149 -16.20 -6.76 10.78
N PRO B 150 -15.56 -7.36 11.83
CA PRO B 150 -15.85 -6.94 13.22
C PRO B 150 -15.31 -5.55 13.56
N GLU B 151 -14.34 -5.02 12.82
CA GLU B 151 -13.82 -3.69 13.16
C GLU B 151 -14.75 -2.56 12.69
N SER B 152 -15.58 -2.83 11.67
CA SER B 152 -16.52 -1.82 11.15
C SER B 152 -17.79 -1.81 12.02
N GLN B 153 -17.85 -0.91 13.03
CA GLN B 153 -19.00 -0.82 13.95
C GLN B 153 -19.58 0.56 13.87
N ASN B 154 -20.33 0.84 12.78
CA ASN B 154 -20.89 2.17 12.52
C ASN B 154 -19.78 3.22 12.60
N ASN B 155 -18.61 2.91 12.01
CA ASN B 155 -17.47 3.83 12.12
C ASN B 155 -16.74 4.10 10.80
N CYS B 156 -17.29 3.64 9.69
CA CYS B 156 -16.63 3.85 8.39
C CYS B 156 -17.73 3.94 7.35
N ARG B 157 -17.58 4.88 6.41
CA ARG B 157 -18.54 5.01 5.32
C ARG B 157 -17.79 5.26 4.06
N LEU B 158 -18.03 4.41 3.07
CA LEU B 158 -17.47 4.58 1.74
C LEU B 158 -18.39 5.52 1.00
N ILE B 159 -17.78 6.49 0.36
CA ILE B 159 -18.49 7.47 -0.47
C ILE B 159 -18.07 7.24 -1.92
N ALA B 160 -18.80 6.37 -2.64
CA ALA B 160 -18.47 6.04 -4.02
C ALA B 160 -19.28 6.91 -4.93
N TYR B 161 -18.65 7.45 -5.98
CA TYR B 161 -19.39 8.38 -6.84
C TYR B 161 -18.87 8.42 -8.23
N GLN B 162 -19.82 8.58 -9.18
CA GLN B 162 -19.48 8.79 -10.57
C GLN B 162 -19.79 10.26 -10.83
N GLU B 163 -18.88 10.96 -11.45
CA GLU B 163 -19.04 12.36 -11.69
C GLU B 163 -19.77 12.59 -13.00
N PRO B 164 -20.95 13.24 -12.96
CA PRO B 164 -21.68 13.49 -14.22
C PRO B 164 -20.85 14.36 -15.16
N ALA B 165 -21.14 14.26 -16.44
CA ALA B 165 -20.51 15.11 -17.45
C ALA B 165 -20.78 16.60 -17.18
N ASP B 166 -22.02 16.93 -16.71
CA ASP B 166 -22.33 18.31 -16.41
C ASP B 166 -21.71 18.66 -15.04
N ASP B 167 -20.71 19.54 -15.06
CA ASP B 167 -19.94 19.97 -13.87
C ASP B 167 -20.84 20.53 -12.82
N SER B 168 -21.87 21.27 -13.23
CA SER B 168 -22.79 21.95 -12.30
C SER B 168 -23.69 21.03 -11.51
N SER B 169 -23.76 19.77 -11.91
CA SER B 169 -24.68 18.86 -11.24
C SER B 169 -24.01 18.02 -10.16
N PHE B 170 -22.71 18.29 -9.88
CA PHE B 170 -21.97 17.56 -8.84
C PHE B 170 -21.09 18.49 -8.04
N SER B 171 -21.12 18.31 -6.74
CA SER B 171 -20.26 18.99 -5.81
C SER B 171 -19.69 17.94 -4.87
N LEU B 172 -18.37 17.86 -4.74
CA LEU B 172 -17.77 16.89 -3.83
C LEU B 172 -18.14 17.14 -2.36
N SER B 173 -18.16 18.42 -1.96
CA SER B 173 -18.57 18.76 -0.59
C SER B 173 -20.01 18.34 -0.37
N GLN B 174 -20.90 18.51 -1.37
CA GLN B 174 -22.28 18.05 -1.20
C GLN B 174 -22.38 16.55 -1.03
N GLU B 175 -21.50 15.81 -1.73
CA GLU B 175 -21.50 14.36 -1.62
C GLU B 175 -21.11 13.94 -0.22
N VAL B 176 -20.07 14.60 0.37
CA VAL B 176 -19.71 14.20 1.73
C VAL B 176 -20.85 14.59 2.70
N LEU B 177 -21.41 15.81 2.51
CA LEU B 177 -22.49 16.28 3.39
C LEU B 177 -23.70 15.36 3.38
N ARG B 178 -24.05 14.75 2.23
CA ARG B 178 -25.20 13.84 2.21
C ARG B 178 -24.94 12.66 3.15
N HIS B 179 -23.72 12.12 3.10
CA HIS B 179 -23.38 11.01 3.99
C HIS B 179 -23.28 11.41 5.44
N LEU B 180 -22.69 12.58 5.71
CA LEU B 180 -22.53 13.09 7.07
C LEU B 180 -23.90 13.33 7.71
N ARG B 181 -24.85 13.82 6.94
CA ARG B 181 -26.19 14.09 7.46
C ARG B 181 -26.98 12.83 7.74
N GLN B 182 -26.56 11.71 7.17
CA GLN B 182 -27.20 10.43 7.44
C GLN B 182 -26.75 9.82 8.78
N GLU B 183 -25.74 10.43 9.46
CA GLU B 183 -25.21 9.95 10.74
C GLU B 183 -26.26 9.78 11.83
C1 K5P C . 1.34 -4.36 5.30
C2 K5P C . 1.20 -4.90 6.56
C3 K5P C . 0.08 -5.66 6.90
C7 K5P C . 1.16 -6.81 8.90
C8 K5P C . -1.21 -7.31 8.32
C9 K5P C . -0.58 -5.08 9.25
C10 K5P C . 0.78 -2.53 2.92
C11 K5P C . -0.45 -1.65 2.93
C12 K5P C . -0.30 -0.27 3.03
C13 K5P C . -1.39 0.59 3.02
C14 K5P C . -2.67 0.06 2.95
C15 K5P C . -2.85 -1.32 2.91
C16 K5P C . -1.74 -2.16 2.88
C19 K5P C . 0.96 -2.84 0.46
C20 K5P C . 0.99 -2.23 -0.79
C21 K5P C . 0.39 -2.83 -1.88
C22 K5P C . -0.26 -4.04 -1.74
C24 K5P C . 0.30 -4.06 0.60
O3 K5P C . 3.72 -2.32 2.86
C26 K5P C . 3.07 -2.76 1.87
O2 K5P C . 3.51 -3.56 1.05
C18 K5P C . 1.64 -2.24 1.68
O K5P C . -3.80 0.83 2.88
C17 K5P C . -3.63 2.25 2.93
C23 K5P C . -0.31 -4.67 -0.51
C25 K5P C . 0.28 -4.76 1.89
O1 K5P C . 0.07 -5.96 1.99
N K5P C . 0.47 -3.98 3.03
C K5P C . 0.36 -4.57 4.33
C5 K5P C . -0.73 -5.37 4.64
C4 K5P C . -0.87 -5.90 5.90
C6 K5P C . -0.13 -6.21 8.32
C1 K5P D . -0.06 4.91 -3.92
C2 K5P D . 0.40 5.86 -4.84
C3 K5P D . 0.67 5.51 -6.16
C7 K5P D . 0.57 7.90 -7.01
C8 K5P D . 1.03 6.04 -8.61
C9 K5P D . 2.74 6.66 -6.95
C10 K5P D . 0.08 2.50 -2.10
C11 K5P D . 1.28 1.56 -2.14
C12 K5P D . 2.15 1.52 -1.05
C13 K5P D . 3.24 0.66 -1.05
C14 K5P D . 3.48 -0.15 -2.15
C15 K5P D . 2.66 -0.07 -3.27
C16 K5P D . 1.57 0.78 -3.25
C19 K5P D . -1.61 0.80 -1.38
C20 K5P D . -1.95 -0.21 -0.50
C21 K5P D . -2.65 -1.33 -0.92
C22 K5P D . -3.01 -1.44 -2.25
C24 K5P D . -1.99 0.69 -2.72
O3 K5P D . -1.31 4.27 -0.21
C26 K5P D . -1.83 3.20 -0.59
O2 K5P D . -3.07 3.00 -0.64
C18 K5P D . -0.88 2.06 -0.97
O K5P D . 4.52 -1.05 -2.22
C17 K5P D . 5.38 -1.15 -1.07
C23 K5P D . -2.70 -0.44 -3.15
C25 K5P D . -1.69 1.74 -3.70
O1 K5P D . -2.31 1.85 -4.75
N K5P D . -0.64 2.60 -3.39
C K5P D . -0.24 3.59 -4.33
C5 K5P D . 0.00 3.24 -5.66
C4 K5P D . 0.43 4.20 -6.55
C6 K5P D . 1.24 6.52 -7.16
CA CA E . -17.63 17.97 -17.39
#